data_7AUZ
#
_entry.id   7AUZ
#
_cell.length_a   78.189
_cell.length_b   86.700
_cell.length_c   98.962
_cell.angle_alpha   90.000
_cell.angle_beta   90.000
_cell.angle_gamma   90.000
#
_symmetry.space_group_name_H-M   'P 21 21 21'
#
loop_
_entity.id
_entity.type
_entity.pdbx_description
1 polymer 'Leukotriene A-4 hydrolase'
2 non-polymer 'ZINC ION'
3 non-polymer 'ACETATE ION'
4 non-polymer 'YTTERBIUM (III) ION'
5 non-polymer IMIDAZOLE
6 non-polymer '(3~{S})-3-azanyl-4-[5-[4-(5-chloranyl-3-fluoranyl-pyridin-2-yl)oxyphenyl]-1,2,3,4-tetrazol-2-yl]butanoic acid'
7 water water
#
_entity_poly.entity_id   1
_entity_poly.type   'polypeptide(L)'
_entity_poly.pdbx_seq_one_letter_code
;GPGPEIVDTCSLASPASVCRTKHLHLRCSVDFTRRTLTGTAALTVQSQEDNLRSLVLDTKDLTIEKVVINGQEVKYALGE
RQSYKGSPMEISLPIALSKNQEIVIEISFETSPKSSALQWLTPEQTSGKEHPYLFSQCQAIHCRAILPCQDTPSVKLTYT
AEVSVPKELVALMSAIRDGETPDPEDPSRKIYKFIQKVPIPCYLIALVVGALESRQIGPRTLVWSEKEQVEKSAYEFSET
ESMLKIAEDLGGPYVWGQYDLLVLPPSFPYGGMENPCLTFVTPTLLAGDKSLSNVIAHEISHSWTGNLVTNKTWDHFWLN
EGHTVYLERHICGRLFGEKFRHFNALGGWGELQNSVKTFGETHPFTKLVVDLTDIDPDVAYSSVPYEKGFALLFYLEQLL
GGPEIFLGFLKAYVEKFSYKSITTDDWKDFLYSYFKDKVDVLNQVDWNAWLYSPGLPPIKPNYDMTLTNACIALSQRWIT
AKEDDLNSFNATDLKDLSSHQLNEFLAQTLQRAPLPLGHIKRMQEVYNFNAINNSEIRFRWLRLCIQSKWEDAIPLALKM
ATEQGRMKFTRPLFKDLAAFDKSHDQAVRTYQEHKASMHPVTAMLVGKDLKVD
;
_entity_poly.pdbx_strand_id   A
#
# COMPACT_ATOMS: atom_id res chain seq x y z
N VAL A 7 -18.58 5.54 13.25
CA VAL A 7 -18.79 4.09 13.08
C VAL A 7 -17.96 3.52 11.91
N ASP A 8 -17.40 2.31 12.07
CA ASP A 8 -16.66 1.64 11.00
C ASP A 8 -17.63 0.78 10.18
N THR A 9 -17.99 1.27 8.99
CA THR A 9 -18.96 0.59 8.13
C THR A 9 -18.34 -0.59 7.37
N CYS A 10 -17.00 -0.81 7.47
CA CYS A 10 -16.35 -1.95 6.81
C CYS A 10 -16.20 -3.16 7.75
N SER A 11 -16.51 -2.99 9.03
CA SER A 11 -16.36 -4.09 9.99
C SER A 11 -17.70 -4.55 10.51
N LEU A 12 -17.81 -5.86 10.72
CA LEU A 12 -19.01 -6.52 11.26
C LEU A 12 -18.79 -6.85 12.74
N ALA A 13 -17.56 -6.64 13.24
CA ALA A 13 -17.17 -6.93 14.63
C ALA A 13 -17.75 -5.95 15.66
N SER A 14 -17.71 -6.35 16.96
CA SER A 14 -18.09 -5.44 18.03
C SER A 14 -17.16 -4.22 17.91
N PRO A 15 -17.69 -3.00 17.96
CA PRO A 15 -16.81 -1.81 17.87
C PRO A 15 -15.97 -1.61 19.16
N ALA A 16 -14.96 -0.71 19.07
CA ALA A 16 -14.05 -0.32 20.17
C ALA A 16 -14.80 0.17 21.44
N SER A 17 -16.03 0.71 21.29
CA SER A 17 -16.85 1.18 22.41
C SER A 17 -17.46 0.00 23.21
N VAL A 18 -17.49 -1.22 22.64
CA VAL A 18 -18.03 -2.40 23.29
C VAL A 18 -16.90 -3.20 23.96
N CYS A 19 -15.86 -3.51 23.18
CA CYS A 19 -14.68 -4.24 23.65
C CYS A 19 -13.47 -3.92 22.76
N ARG A 20 -12.26 -4.15 23.28
CA ARG A 20 -11.02 -3.84 22.54
C ARG A 20 -10.01 -4.97 22.66
N THR A 21 -9.46 -5.40 21.53
CA THR A 21 -8.41 -6.42 21.55
C THR A 21 -7.13 -5.70 21.97
N LYS A 22 -6.49 -6.20 23.02
CA LYS A 22 -5.25 -5.64 23.54
C LYS A 22 -4.04 -6.41 23.01
N HIS A 23 -4.18 -7.71 22.78
CA HIS A 23 -3.06 -8.55 22.36
C HIS A 23 -3.53 -9.75 21.57
N LEU A 24 -2.71 -10.19 20.62
CA LEU A 24 -2.93 -11.40 19.85
C LEU A 24 -1.74 -12.29 20.04
N HIS A 25 -1.97 -13.54 20.43
CA HIS A 25 -0.90 -14.52 20.48
C HIS A 25 -1.28 -15.55 19.42
N LEU A 26 -0.55 -15.52 18.29
CA LEU A 26 -0.80 -16.38 17.14
C LEU A 26 0.13 -17.60 17.11
N ARG A 27 -0.45 -18.80 17.05
CA ARG A 27 0.33 -20.04 16.92
C ARG A 27 -0.21 -20.73 15.69
N CYS A 28 0.56 -20.76 14.60
CA CYS A 28 0.07 -21.35 13.37
C CYS A 28 1.10 -22.15 12.60
N SER A 29 0.61 -23.00 11.67
CA SER A 29 1.41 -23.85 10.82
C SER A 29 0.99 -23.60 9.38
N VAL A 30 1.99 -23.43 8.49
CA VAL A 30 1.78 -23.15 7.09
C VAL A 30 1.88 -24.47 6.31
N ASP A 31 0.77 -24.89 5.71
CA ASP A 31 0.75 -26.12 4.91
C ASP A 31 0.67 -25.75 3.41
N PHE A 32 1.80 -25.88 2.68
CA PHE A 32 1.85 -25.56 1.24
C PHE A 32 1.08 -26.56 0.36
N THR A 33 0.96 -27.81 0.81
CA THR A 33 0.22 -28.83 0.05
C THR A 33 -1.29 -28.51 0.04
N ARG A 34 -1.84 -28.10 1.19
CA ARG A 34 -3.25 -27.75 1.32
C ARG A 34 -3.55 -26.26 1.07
N ARG A 35 -2.48 -25.41 1.02
CA ARG A 35 -2.60 -23.93 0.87
C ARG A 35 -3.45 -23.40 2.03
N THR A 36 -3.06 -23.80 3.24
CA THR A 36 -3.77 -23.42 4.44
C THR A 36 -2.82 -22.96 5.55
N LEU A 37 -3.32 -22.03 6.35
CA LEU A 37 -2.67 -21.56 7.56
C LEU A 37 -3.60 -22.13 8.65
N THR A 38 -3.07 -22.97 9.54
CA THR A 38 -3.89 -23.58 10.59
C THR A 38 -3.32 -23.28 11.95
N GLY A 39 -4.19 -23.01 12.91
CA GLY A 39 -3.73 -22.81 14.27
C GLY A 39 -4.69 -22.11 15.21
N THR A 40 -4.11 -21.42 16.20
CA THR A 40 -4.87 -20.72 17.21
C THR A 40 -4.54 -19.25 17.28
N ALA A 41 -5.57 -18.44 17.39
CA ALA A 41 -5.45 -17.00 17.57
C ALA A 41 -6.01 -16.77 18.97
N ALA A 42 -5.12 -16.42 19.91
CA ALA A 42 -5.51 -16.15 21.29
C ALA A 42 -5.62 -14.61 21.43
N LEU A 43 -6.86 -14.12 21.54
CA LEU A 43 -7.15 -12.70 21.67
C LEU A 43 -7.39 -12.29 23.12
N THR A 44 -6.60 -11.33 23.61
CA THR A 44 -6.77 -10.75 24.93
C THR A 44 -7.74 -9.60 24.71
N VAL A 45 -8.97 -9.78 25.15
CA VAL A 45 -10.03 -8.80 24.92
C VAL A 45 -10.39 -8.11 26.24
N GLN A 46 -10.48 -6.77 26.19
CA GLN A 46 -10.88 -5.93 27.30
C GLN A 46 -12.29 -5.43 27.04
N SER A 47 -13.19 -5.66 27.99
CA SER A 47 -14.56 -5.16 27.89
C SER A 47 -14.55 -3.64 28.13
N GLN A 48 -15.36 -2.92 27.36
CA GLN A 48 -15.51 -1.46 27.51
C GLN A 48 -16.89 -1.17 28.05
N GLU A 49 -17.64 -2.23 28.40
CA GLU A 49 -19.03 -2.14 28.85
C GLU A 49 -19.29 -2.97 30.08
N ASP A 50 -20.32 -2.57 30.81
CA ASP A 50 -20.77 -3.35 31.93
C ASP A 50 -21.60 -4.56 31.45
N ASN A 51 -21.50 -5.71 32.15
CA ASN A 51 -22.32 -6.91 31.87
C ASN A 51 -22.22 -7.39 30.41
N LEU A 52 -20.99 -7.46 29.89
CA LEU A 52 -20.74 -7.92 28.52
C LEU A 52 -20.79 -9.45 28.49
N ARG A 53 -21.70 -10.01 27.67
CA ARG A 53 -21.91 -11.46 27.60
C ARG A 53 -21.63 -12.10 26.26
N SER A 54 -21.40 -11.30 25.24
CA SER A 54 -21.05 -11.79 23.92
C SER A 54 -20.27 -10.75 23.16
N LEU A 55 -19.58 -11.19 22.14
CA LEU A 55 -18.88 -10.26 21.27
C LEU A 55 -18.84 -10.80 19.87
N VAL A 56 -18.66 -9.91 18.91
CA VAL A 56 -18.64 -10.28 17.50
C VAL A 56 -17.27 -9.97 16.90
N LEU A 57 -16.77 -10.91 16.12
CA LEU A 57 -15.51 -10.78 15.40
C LEU A 57 -15.76 -10.87 13.90
N ASP A 58 -14.83 -10.30 13.13
CA ASP A 58 -14.85 -10.38 11.67
C ASP A 58 -14.14 -11.66 11.25
N THR A 59 -14.67 -12.33 10.26
CA THR A 59 -14.03 -13.52 9.67
C THR A 59 -14.32 -13.51 8.17
N LYS A 60 -13.48 -14.15 7.36
CA LYS A 60 -13.78 -14.25 5.92
C LYS A 60 -13.21 -15.55 5.40
N ASP A 61 -14.11 -16.49 5.04
CA ASP A 61 -13.75 -17.81 4.52
C ASP A 61 -12.81 -18.57 5.47
N LEU A 62 -13.07 -18.44 6.78
CA LEU A 62 -12.30 -19.17 7.80
C LEU A 62 -13.10 -20.37 8.22
N THR A 63 -12.40 -21.46 8.53
CA THR A 63 -13.03 -22.65 9.08
C THR A 63 -12.74 -22.58 10.60
N ILE A 64 -13.79 -22.53 11.42
CA ILE A 64 -13.60 -22.46 12.86
C ILE A 64 -13.81 -23.85 13.41
N GLU A 65 -12.83 -24.34 14.19
CA GLU A 65 -12.90 -25.65 14.82
C GLU A 65 -13.60 -25.56 16.18
N LYS A 66 -13.12 -24.64 17.04
CA LYS A 66 -13.63 -24.44 18.39
C LYS A 66 -13.15 -23.11 18.91
N VAL A 67 -13.78 -22.64 20.00
CA VAL A 67 -13.45 -21.42 20.73
C VAL A 67 -13.30 -21.82 22.19
N VAL A 68 -12.13 -21.51 22.79
CA VAL A 68 -11.85 -21.91 24.16
C VAL A 68 -11.60 -20.68 25.03
N ILE A 69 -12.35 -20.59 26.15
CA ILE A 69 -12.24 -19.53 27.18
C ILE A 69 -12.16 -20.28 28.53
N ASN A 70 -11.15 -19.96 29.36
CA ASN A 70 -10.92 -20.55 30.68
C ASN A 70 -10.78 -22.10 30.60
N GLY A 71 -10.14 -22.59 29.53
CA GLY A 71 -9.93 -24.02 29.29
C GLY A 71 -11.14 -24.81 28.85
N GLN A 72 -12.29 -24.16 28.60
CA GLN A 72 -13.49 -24.86 28.14
C GLN A 72 -14.02 -24.31 26.83
N GLU A 73 -14.61 -25.18 26.01
CA GLU A 73 -15.21 -24.78 24.74
C GLU A 73 -16.47 -23.98 24.98
N VAL A 74 -16.63 -22.90 24.22
CA VAL A 74 -17.78 -22.02 24.36
C VAL A 74 -18.63 -22.03 23.09
N LYS A 75 -19.88 -21.57 23.20
CA LYS A 75 -20.78 -21.48 22.06
C LYS A 75 -20.36 -20.30 21.18
N TYR A 76 -20.45 -20.49 19.86
CA TYR A 76 -20.16 -19.47 18.87
C TYR A 76 -21.07 -19.70 17.65
N ALA A 77 -21.32 -18.66 16.86
CA ALA A 77 -22.12 -18.77 15.65
C ALA A 77 -21.60 -17.86 14.57
N LEU A 78 -21.59 -18.39 13.35
CA LEU A 78 -21.17 -17.66 12.16
C LEU A 78 -22.42 -17.23 11.42
N GLY A 79 -22.57 -15.93 11.25
CA GLY A 79 -23.71 -15.37 10.54
C GLY A 79 -23.57 -15.56 9.03
N GLU A 80 -24.60 -15.14 8.29
CA GLU A 80 -24.63 -15.17 6.81
C GLU A 80 -23.49 -14.30 6.26
N ARG A 81 -22.89 -14.73 5.14
CA ARG A 81 -21.81 -13.95 4.52
C ARG A 81 -22.37 -12.62 3.99
N GLN A 82 -21.63 -11.54 4.21
CA GLN A 82 -22.02 -10.22 3.74
C GLN A 82 -21.00 -9.76 2.69
N SER A 83 -20.98 -10.45 1.53
CA SER A 83 -20.10 -10.16 0.39
C SER A 83 -18.61 -10.02 0.85
N TYR A 84 -17.90 -8.94 0.43
CA TYR A 84 -16.50 -8.64 0.74
C TYR A 84 -16.23 -8.48 2.26
N LYS A 85 -17.28 -8.18 3.07
CA LYS A 85 -17.12 -8.03 4.52
C LYS A 85 -16.87 -9.34 5.25
N GLY A 86 -17.22 -10.46 4.61
CA GLY A 86 -17.09 -11.79 5.21
C GLY A 86 -18.29 -12.14 6.09
N SER A 87 -18.05 -12.99 7.09
CA SER A 87 -19.10 -13.48 7.97
C SER A 87 -18.85 -13.07 9.41
N PRO A 88 -19.87 -12.54 10.12
CA PRO A 88 -19.66 -12.18 11.53
C PRO A 88 -19.66 -13.42 12.41
N MET A 89 -18.78 -13.42 13.40
CA MET A 89 -18.65 -14.53 14.33
C MET A 89 -19.02 -14.07 15.74
N GLU A 90 -20.19 -14.53 16.22
CA GLU A 90 -20.65 -14.18 17.55
C GLU A 90 -20.15 -15.23 18.55
N ILE A 91 -19.44 -14.78 19.59
CA ILE A 91 -18.92 -15.65 20.63
C ILE A 91 -19.72 -15.43 21.94
N SER A 92 -20.27 -16.52 22.50
CA SER A 92 -21.02 -16.44 23.76
C SER A 92 -20.03 -16.54 24.93
N LEU A 93 -19.88 -15.46 25.72
CA LEU A 93 -18.93 -15.50 26.82
C LEU A 93 -19.43 -16.40 27.96
N PRO A 94 -18.56 -17.23 28.58
CA PRO A 94 -19.04 -18.11 29.68
C PRO A 94 -19.48 -17.35 30.93
N ILE A 95 -18.88 -16.17 31.19
CA ILE A 95 -19.19 -15.30 32.32
C ILE A 95 -19.32 -13.84 31.85
N ALA A 96 -20.30 -13.11 32.41
CA ALA A 96 -20.52 -11.69 32.13
C ALA A 96 -19.29 -10.92 32.60
N LEU A 97 -18.80 -9.96 31.78
CA LEU A 97 -17.62 -9.15 32.09
C LEU A 97 -17.99 -7.75 32.53
N SER A 98 -17.28 -7.25 33.56
CA SER A 98 -17.43 -5.87 34.03
C SER A 98 -16.58 -4.95 33.12
N LYS A 99 -16.77 -3.61 33.20
CA LYS A 99 -15.95 -2.67 32.45
C LYS A 99 -14.46 -2.77 32.84
N ASN A 100 -13.57 -2.83 31.82
CA ASN A 100 -12.09 -2.94 31.89
C ASN A 100 -11.59 -4.36 32.23
N GLN A 101 -12.50 -5.32 32.39
CA GLN A 101 -12.10 -6.70 32.66
C GLN A 101 -11.56 -7.31 31.39
N GLU A 102 -10.49 -8.10 31.53
CA GLU A 102 -9.83 -8.75 30.42
C GLU A 102 -9.98 -10.24 30.46
N ILE A 103 -10.19 -10.84 29.29
CA ILE A 103 -10.26 -12.29 29.13
C ILE A 103 -9.48 -12.71 27.90
N VAL A 104 -9.06 -13.98 27.88
CA VAL A 104 -8.33 -14.55 26.75
C VAL A 104 -9.25 -15.51 26.02
N ILE A 105 -9.46 -15.25 24.71
CA ILE A 105 -10.30 -16.07 23.84
C ILE A 105 -9.41 -16.73 22.80
N GLU A 106 -9.30 -18.07 22.89
CA GLU A 106 -8.47 -18.86 21.98
C GLU A 106 -9.32 -19.52 20.88
N ILE A 107 -9.14 -19.05 19.65
CA ILE A 107 -9.90 -19.56 18.51
C ILE A 107 -9.03 -20.46 17.61
N SER A 108 -9.45 -21.72 17.45
CA SER A 108 -8.82 -22.70 16.58
C SER A 108 -9.47 -22.54 15.21
N PHE A 109 -8.65 -22.18 14.23
CA PHE A 109 -9.10 -21.84 12.90
C PHE A 109 -8.20 -22.41 11.81
N GLU A 110 -8.69 -22.28 10.58
CA GLU A 110 -8.00 -22.66 9.35
C GLU A 110 -8.44 -21.73 8.22
N THR A 111 -7.48 -21.29 7.40
CA THR A 111 -7.77 -20.41 6.28
C THR A 111 -8.23 -21.22 5.07
N SER A 112 -8.94 -20.57 4.18
CA SER A 112 -9.29 -21.16 2.90
C SER A 112 -8.12 -20.93 1.92
N PRO A 113 -7.86 -21.86 0.97
CA PRO A 113 -6.83 -21.59 -0.07
C PRO A 113 -7.14 -20.32 -0.88
N LYS A 114 -8.41 -19.90 -0.92
CA LYS A 114 -8.85 -18.70 -1.65
C LYS A 114 -8.87 -17.44 -0.77
N SER A 115 -8.22 -17.49 0.40
CA SER A 115 -8.13 -16.32 1.31
C SER A 115 -7.72 -15.08 0.49
N SER A 116 -8.52 -13.99 0.58
CA SER A 116 -8.21 -12.77 -0.18
C SER A 116 -6.97 -12.05 0.39
N ALA A 117 -6.52 -12.48 1.57
CA ALA A 117 -5.35 -11.89 2.23
C ALA A 117 -4.06 -12.48 1.72
N LEU A 118 -4.12 -13.67 1.13
CA LEU A 118 -2.94 -14.44 0.79
C LEU A 118 -2.74 -14.74 -0.66
N GLN A 119 -1.47 -14.89 -1.04
CA GLN A 119 -1.13 -15.45 -2.34
C GLN A 119 -0.19 -16.62 -2.11
N TRP A 120 -0.58 -17.81 -2.59
CA TRP A 120 0.20 -19.04 -2.51
C TRP A 120 0.90 -19.20 -3.86
N LEU A 121 2.23 -19.26 -3.86
CA LEU A 121 3.02 -19.35 -5.08
C LEU A 121 3.62 -20.71 -5.24
N THR A 122 3.50 -21.28 -6.44
CA THR A 122 4.13 -22.57 -6.73
C THR A 122 5.64 -22.27 -6.94
N PRO A 123 6.56 -23.27 -6.90
CA PRO A 123 7.98 -22.99 -7.16
C PRO A 123 8.26 -22.29 -8.51
N GLU A 124 7.49 -22.65 -9.56
CA GLU A 124 7.59 -22.05 -10.92
C GLU A 124 7.37 -20.54 -10.92
N GLN A 125 6.58 -20.04 -9.94
CA GLN A 125 6.25 -18.62 -9.77
C GLN A 125 7.26 -17.83 -8.91
N THR A 126 8.36 -18.47 -8.47
CA THR A 126 9.40 -17.84 -7.64
C THR A 126 10.70 -17.69 -8.48
N SER A 127 11.70 -16.98 -7.95
CA SER A 127 13.00 -16.83 -8.63
C SER A 127 13.81 -18.12 -8.63
N GLY A 128 13.78 -18.83 -7.51
CA GLY A 128 14.59 -20.03 -7.28
C GLY A 128 14.13 -21.29 -7.99
N LYS A 129 12.81 -21.42 -8.23
CA LYS A 129 12.15 -22.54 -8.91
C LYS A 129 12.17 -23.87 -8.16
N GLU A 130 12.66 -23.89 -6.90
CA GLU A 130 12.73 -25.12 -6.11
C GLU A 130 11.72 -25.13 -4.97
N HIS A 131 11.44 -23.95 -4.39
CA HIS A 131 10.55 -23.85 -3.24
C HIS A 131 9.29 -23.00 -3.50
N PRO A 132 8.16 -23.34 -2.82
CA PRO A 132 6.96 -22.47 -2.93
C PRO A 132 7.19 -21.22 -2.06
N TYR A 133 6.21 -20.32 -2.07
CA TYR A 133 6.28 -19.05 -1.37
C TYR A 133 4.87 -18.61 -0.95
N LEU A 134 4.77 -17.91 0.15
CA LEU A 134 3.50 -17.36 0.65
C LEU A 134 3.75 -15.96 1.12
N PHE A 135 2.80 -15.05 0.85
CA PHE A 135 2.86 -13.70 1.44
C PHE A 135 1.45 -13.21 1.68
N SER A 136 1.30 -12.39 2.71
CA SER A 136 0.01 -11.79 3.07
C SER A 136 -0.03 -10.30 2.70
N GLN A 137 -1.25 -9.77 2.58
CA GLN A 137 -1.53 -8.36 2.31
C GLN A 137 -2.88 -8.06 2.98
N CYS A 138 -2.82 -7.65 4.26
CA CYS A 138 -4.05 -7.44 5.03
C CYS A 138 -4.75 -6.12 4.75
N GLN A 139 -4.02 -5.09 4.35
CA GLN A 139 -4.66 -3.81 4.05
C GLN A 139 -5.63 -3.90 2.83
N ALA A 140 -6.87 -3.40 2.94
CA ALA A 140 -7.49 -2.71 4.09
C ALA A 140 -8.12 -3.66 5.11
N ILE A 141 -8.99 -4.56 4.63
CA ILE A 141 -9.82 -5.42 5.48
C ILE A 141 -9.67 -6.91 5.15
N HIS A 142 -8.43 -7.36 4.95
CA HIS A 142 -8.12 -8.77 4.67
C HIS A 142 -7.56 -9.52 5.87
N CYS A 143 -7.26 -8.85 7.01
CA CYS A 143 -6.80 -9.61 8.20
C CYS A 143 -7.86 -10.65 8.64
N ARG A 144 -9.16 -10.34 8.44
CA ARG A 144 -10.27 -11.23 8.76
C ARG A 144 -10.25 -12.51 7.88
N ALA A 145 -9.52 -12.47 6.74
CA ALA A 145 -9.38 -13.64 5.84
C ALA A 145 -8.18 -14.53 6.27
N ILE A 146 -7.46 -14.10 7.32
CA ILE A 146 -6.35 -14.88 7.90
C ILE A 146 -6.79 -15.41 9.28
N LEU A 147 -7.31 -14.51 10.14
CA LEU A 147 -7.69 -14.89 11.50
C LEU A 147 -8.92 -14.12 12.03
N PRO A 148 -9.69 -14.68 13.00
CA PRO A 148 -10.83 -13.91 13.55
C PRO A 148 -10.29 -12.75 14.39
N CYS A 149 -10.81 -11.54 14.13
CA CYS A 149 -10.33 -10.31 14.78
C CYS A 149 -11.38 -9.22 14.68
N GLN A 150 -11.16 -8.11 15.39
CA GLN A 150 -11.97 -6.89 15.20
C GLN A 150 -11.21 -6.20 14.07
N ASP A 151 -11.61 -6.49 12.82
CA ASP A 151 -10.89 -6.01 11.64
C ASP A 151 -11.20 -4.53 11.31
N THR A 152 -10.71 -3.65 12.18
CA THR A 152 -10.93 -2.22 12.16
C THR A 152 -9.68 -1.48 12.64
N PRO A 153 -9.27 -0.40 11.94
CA PRO A 153 -8.07 0.35 12.41
C PRO A 153 -8.32 1.18 13.66
N SER A 154 -9.57 1.19 14.17
CA SER A 154 -9.95 1.91 15.41
C SER A 154 -9.43 1.14 16.65
N VAL A 155 -8.98 -0.11 16.46
CA VAL A 155 -8.47 -0.95 17.54
C VAL A 155 -6.98 -1.21 17.30
N LYS A 156 -6.15 -1.01 18.33
CA LYS A 156 -4.71 -1.28 18.24
C LYS A 156 -4.32 -2.33 19.28
N LEU A 157 -3.46 -3.25 18.86
CA LEU A 157 -3.02 -4.38 19.66
C LEU A 157 -1.56 -4.74 19.46
N THR A 158 -0.98 -5.36 20.49
CA THR A 158 0.38 -5.88 20.41
C THR A 158 0.21 -7.32 19.94
N TYR A 159 1.27 -7.97 19.48
CA TYR A 159 1.15 -9.37 19.12
C TYR A 159 2.44 -10.15 19.30
N THR A 160 2.28 -11.45 19.51
CA THR A 160 3.40 -12.40 19.57
C THR A 160 2.98 -13.52 18.61
N ALA A 161 3.93 -14.12 17.93
CA ALA A 161 3.58 -15.19 17.00
C ALA A 161 4.64 -16.28 16.95
N GLU A 162 4.21 -17.50 16.73
CA GLU A 162 5.02 -18.71 16.65
C GLU A 162 4.52 -19.37 15.35
N VAL A 163 5.38 -19.44 14.31
CA VAL A 163 4.97 -19.96 12.98
C VAL A 163 5.77 -21.18 12.56
N SER A 164 5.07 -22.32 12.34
CA SER A 164 5.68 -23.57 11.90
C SER A 164 5.71 -23.64 10.39
N VAL A 165 6.88 -23.90 9.82
CA VAL A 165 7.09 -23.95 8.36
C VAL A 165 7.99 -25.11 8.00
N PRO A 166 7.98 -25.65 6.74
CA PRO A 166 9.01 -26.65 6.36
C PRO A 166 10.38 -26.04 6.65
N LYS A 167 11.27 -26.86 7.28
CA LYS A 167 12.59 -26.43 7.78
C LYS A 167 13.51 -25.76 6.73
N GLU A 168 13.32 -26.04 5.45
CA GLU A 168 14.14 -25.46 4.39
C GLU A 168 13.74 -24.02 4.07
N LEU A 169 12.58 -23.57 4.64
CA LEU A 169 12.03 -22.23 4.42
C LEU A 169 12.19 -21.30 5.63
N VAL A 170 11.96 -20.00 5.40
CA VAL A 170 12.09 -18.93 6.39
C VAL A 170 10.77 -18.20 6.50
N ALA A 171 10.31 -17.93 7.73
CA ALA A 171 9.11 -17.12 7.98
C ALA A 171 9.59 -15.73 8.46
N LEU A 172 8.87 -14.65 8.06
CA LEU A 172 9.09 -13.27 8.52
C LEU A 172 7.72 -12.64 8.75
N MET A 173 7.65 -11.73 9.71
CA MET A 173 6.43 -11.02 10.07
C MET A 173 6.71 -9.54 10.32
N SER A 174 5.63 -8.76 10.50
CA SER A 174 5.68 -7.32 10.82
C SER A 174 5.93 -7.17 12.34
N ALA A 175 7.07 -7.68 12.78
CA ALA A 175 7.46 -7.78 14.18
C ALA A 175 8.98 -8.02 14.29
N ILE A 176 9.48 -7.99 15.53
CA ILE A 176 10.90 -8.24 15.77
C ILE A 176 11.09 -9.76 15.81
N ARG A 177 12.09 -10.25 15.06
CA ARG A 177 12.42 -11.68 15.04
C ARG A 177 12.83 -12.08 16.44
N ASP A 178 12.24 -13.15 16.95
CA ASP A 178 12.45 -13.59 18.31
C ASP A 178 12.93 -15.06 18.42
N GLY A 179 13.74 -15.47 17.45
CA GLY A 179 14.35 -16.81 17.45
C GLY A 179 13.69 -17.83 16.55
N GLU A 180 14.39 -18.95 16.36
CA GLU A 180 13.97 -20.10 15.57
C GLU A 180 14.44 -21.37 16.24
N THR A 181 13.62 -22.43 16.17
CA THR A 181 13.95 -23.73 16.76
C THR A 181 13.39 -24.81 15.86
N PRO A 182 13.86 -26.08 15.94
CA PRO A 182 13.18 -27.15 15.20
C PRO A 182 11.77 -27.27 15.81
N ASP A 183 10.75 -27.61 15.00
CA ASP A 183 9.40 -27.77 15.57
C ASP A 183 9.46 -29.01 16.52
N PRO A 184 9.14 -28.89 17.84
CA PRO A 184 9.24 -30.07 18.72
C PRO A 184 8.23 -31.16 18.41
N GLU A 185 7.17 -30.82 17.64
CA GLU A 185 6.09 -31.70 17.21
C GLU A 185 6.36 -32.35 15.85
N ASP A 186 7.33 -31.81 15.07
CA ASP A 186 7.68 -32.29 13.72
C ASP A 186 9.10 -31.84 13.30
N PRO A 187 10.11 -32.76 13.31
CA PRO A 187 11.48 -32.36 12.95
C PRO A 187 11.73 -32.02 11.47
N SER A 188 10.73 -32.17 10.59
CA SER A 188 10.84 -31.74 9.19
C SER A 188 10.46 -30.23 9.12
N ARG A 189 10.09 -29.65 10.27
CA ARG A 189 9.66 -28.26 10.35
C ARG A 189 10.46 -27.42 11.35
N LYS A 190 10.40 -26.09 11.19
CA LYS A 190 11.01 -25.12 12.09
C LYS A 190 9.92 -24.20 12.59
N ILE A 191 10.10 -23.67 13.80
CA ILE A 191 9.22 -22.68 14.36
C ILE A 191 10.01 -21.36 14.42
N TYR A 192 9.42 -20.30 13.86
CA TYR A 192 9.97 -18.95 13.86
C TYR A 192 9.09 -18.12 14.81
N LYS A 193 9.74 -17.40 15.73
CA LYS A 193 9.06 -16.61 16.76
C LYS A 193 9.15 -15.13 16.49
N PHE A 194 8.10 -14.38 16.89
CA PHE A 194 8.01 -12.95 16.61
C PHE A 194 7.38 -12.19 17.73
N ILE A 195 7.79 -10.93 17.89
CA ILE A 195 7.21 -10.07 18.92
C ILE A 195 7.01 -8.66 18.38
N GLN A 196 5.78 -8.15 18.51
CA GLN A 196 5.44 -6.78 18.15
C GLN A 196 4.93 -6.11 19.44
N LYS A 197 5.82 -5.37 20.10
CA LYS A 197 5.56 -4.68 21.39
C LYS A 197 4.84 -3.34 21.21
N VAL A 198 4.80 -2.80 19.99
CA VAL A 198 4.16 -1.51 19.78
C VAL A 198 2.72 -1.82 19.34
N PRO A 199 1.66 -1.22 19.97
CA PRO A 199 0.28 -1.51 19.52
C PRO A 199 0.04 -1.04 18.10
N ILE A 200 -0.57 -1.91 17.29
CA ILE A 200 -0.85 -1.69 15.89
C ILE A 200 -2.29 -2.02 15.50
N PRO A 201 -2.81 -1.38 14.43
CA PRO A 201 -4.10 -1.82 13.85
C PRO A 201 -3.82 -3.17 13.17
N CYS A 202 -4.81 -4.08 13.13
CA CYS A 202 -4.60 -5.43 12.61
C CYS A 202 -4.27 -5.50 11.09
N TYR A 203 -4.56 -4.45 10.28
CA TYR A 203 -4.20 -4.47 8.86
C TYR A 203 -2.66 -4.47 8.70
N LEU A 204 -1.92 -4.15 9.78
CA LEU A 204 -0.46 -4.11 9.79
C LEU A 204 0.18 -5.49 10.12
N ILE A 205 -0.68 -6.51 10.38
CA ILE A 205 -0.23 -7.88 10.63
C ILE A 205 0.18 -8.43 9.23
N ALA A 206 1.40 -8.97 9.12
CA ALA A 206 1.90 -9.50 7.85
C ALA A 206 2.75 -10.73 8.07
N LEU A 207 2.72 -11.64 7.09
CA LEU A 207 3.47 -12.88 7.09
C LEU A 207 3.99 -13.19 5.69
N VAL A 208 5.24 -13.64 5.62
CA VAL A 208 5.88 -14.15 4.40
C VAL A 208 6.58 -15.47 4.76
N VAL A 209 6.49 -16.46 3.87
CA VAL A 209 7.18 -17.74 4.06
C VAL A 209 7.79 -18.10 2.71
N GLY A 210 9.11 -18.27 2.69
CA GLY A 210 9.81 -18.64 1.47
C GLY A 210 11.27 -18.95 1.66
N ALA A 211 11.97 -19.18 0.54
CA ALA A 211 13.41 -19.46 0.53
C ALA A 211 14.08 -18.08 0.54
N LEU A 212 14.10 -17.46 1.73
CA LEU A 212 14.62 -16.09 1.91
C LEU A 212 16.04 -16.03 2.46
N GLU A 213 16.81 -15.07 1.96
CA GLU A 213 18.18 -14.77 2.39
C GLU A 213 18.24 -13.30 2.76
N SER A 214 19.21 -12.89 3.57
CA SER A 214 19.33 -11.50 4.01
C SER A 214 20.71 -10.93 3.86
N ARG A 215 20.75 -9.62 3.66
CA ARG A 215 21.99 -8.87 3.61
C ARG A 215 21.81 -7.61 4.44
N GLN A 216 22.80 -7.30 5.30
CA GLN A 216 22.77 -6.06 6.07
C GLN A 216 23.14 -4.87 5.17
N ILE A 217 22.35 -3.78 5.24
CA ILE A 217 22.58 -2.57 4.43
C ILE A 217 22.63 -1.29 5.30
N GLY A 218 22.42 -1.47 6.59
CA GLY A 218 22.46 -0.37 7.55
C GLY A 218 22.49 -0.89 8.98
N PRO A 219 22.70 0.01 9.97
CA PRO A 219 22.73 -0.44 11.37
C PRO A 219 21.42 -1.05 11.91
N ARG A 220 20.27 -0.74 11.29
CA ARG A 220 18.99 -1.32 11.74
C ARG A 220 18.21 -1.85 10.54
N THR A 221 18.91 -2.21 9.46
CA THR A 221 18.26 -2.67 8.23
C THR A 221 18.93 -3.86 7.57
N LEU A 222 18.16 -4.92 7.37
CA LEU A 222 18.50 -6.07 6.55
C LEU A 222 17.57 -6.01 5.36
N VAL A 223 18.10 -6.34 4.19
CA VAL A 223 17.27 -6.49 3.00
C VAL A 223 17.02 -8.02 2.85
N TRP A 224 15.77 -8.43 2.59
CA TRP A 224 15.39 -9.83 2.44
C TRP A 224 14.76 -10.05 1.09
N SER A 225 15.07 -11.18 0.44
CA SER A 225 14.54 -11.58 -0.86
CA SER A 225 14.49 -11.61 -0.82
C SER A 225 15.02 -12.98 -1.16
N GLU A 226 14.62 -13.54 -2.29
CA GLU A 226 15.17 -14.81 -2.70
C GLU A 226 16.61 -14.48 -3.11
N LYS A 227 17.52 -15.47 -3.05
CA LYS A 227 18.94 -15.31 -3.31
C LYS A 227 19.27 -14.48 -4.57
N GLU A 228 18.56 -14.73 -5.68
CA GLU A 228 18.72 -14.07 -6.98
C GLU A 228 18.57 -12.54 -6.93
N GLN A 229 17.83 -12.01 -5.94
CA GLN A 229 17.57 -10.58 -5.84
C GLN A 229 18.33 -9.85 -4.74
N VAL A 230 18.99 -10.58 -3.82
CA VAL A 230 19.70 -9.98 -2.68
C VAL A 230 20.70 -8.85 -3.08
N GLU A 231 21.66 -9.18 -3.94
CA GLU A 231 22.71 -8.24 -4.34
C GLU A 231 22.15 -6.94 -4.98
N LYS A 232 21.23 -7.09 -5.94
CA LYS A 232 20.59 -5.94 -6.59
C LYS A 232 19.78 -5.10 -5.60
N SER A 233 19.06 -5.76 -4.67
CA SER A 233 18.25 -5.10 -3.64
C SER A 233 19.11 -4.29 -2.66
N ALA A 234 20.25 -4.86 -2.25
CA ALA A 234 21.18 -4.21 -1.32
C ALA A 234 21.67 -2.86 -1.87
N TYR A 235 22.00 -2.82 -3.18
CA TYR A 235 22.43 -1.62 -3.88
C TYR A 235 21.27 -0.64 -4.05
N GLU A 236 20.14 -1.12 -4.60
CA GLU A 236 18.98 -0.27 -4.87
C GLU A 236 18.53 0.51 -3.64
N PHE A 237 18.58 -0.15 -2.47
CA PHE A 237 18.06 0.44 -1.24
C PHE A 237 19.14 0.89 -0.27
N SER A 238 20.35 1.16 -0.77
CA SER A 238 21.49 1.56 0.06
C SER A 238 21.31 2.91 0.82
N GLU A 239 20.41 3.80 0.33
CA GLU A 239 20.12 5.13 0.94
C GLU A 239 19.10 4.99 2.10
N THR A 240 18.63 3.76 2.41
CA THR A 240 17.59 3.50 3.46
C THR A 240 17.93 4.16 4.82
N GLU A 241 19.15 3.91 5.36
CA GLU A 241 19.53 4.51 6.65
C GLU A 241 19.51 6.06 6.60
N SER A 242 20.00 6.67 5.49
CA SER A 242 20.00 8.12 5.37
CA SER A 242 20.00 8.13 5.36
C SER A 242 18.56 8.65 5.42
N MET A 243 17.62 7.93 4.80
CA MET A 243 16.20 8.33 4.80
C MET A 243 15.58 8.21 6.19
N LEU A 244 15.93 7.16 6.93
CA LEU A 244 15.45 6.92 8.29
C LEU A 244 15.94 8.06 9.22
N LYS A 245 17.20 8.49 9.07
CA LYS A 245 17.74 9.58 9.90
C LYS A 245 16.96 10.91 9.66
N ILE A 246 16.64 11.21 8.39
CA ILE A 246 15.86 12.42 8.05
C ILE A 246 14.42 12.28 8.58
N ALA A 247 13.80 11.11 8.37
CA ALA A 247 12.43 10.87 8.83
C ALA A 247 12.34 11.04 10.37
N GLU A 248 13.39 10.61 11.12
CA GLU A 248 13.46 10.76 12.59
C GLU A 248 13.56 12.24 12.97
N ASP A 249 14.35 13.01 12.20
CA ASP A 249 14.51 14.45 12.42
C ASP A 249 13.18 15.14 12.22
N LEU A 250 12.36 14.68 11.26
CA LEU A 250 11.05 15.29 10.97
C LEU A 250 9.88 14.80 11.86
N GLY A 251 9.80 13.50 12.13
CA GLY A 251 8.68 12.95 12.88
C GLY A 251 8.90 12.60 14.33
N GLY A 252 10.14 12.65 14.80
CA GLY A 252 10.47 12.25 16.17
C GLY A 252 11.07 10.85 16.19
N PRO A 253 11.31 10.25 17.38
CA PRO A 253 11.94 8.92 17.43
C PRO A 253 11.29 7.79 16.61
N TYR A 254 12.14 6.95 15.98
CA TYR A 254 11.71 5.73 15.30
C TYR A 254 11.51 4.75 16.47
N VAL A 255 10.27 4.31 16.72
CA VAL A 255 10.00 3.49 17.91
C VAL A 255 9.98 1.99 17.67
N TRP A 256 10.09 1.57 16.41
CA TRP A 256 9.86 0.19 15.97
C TRP A 256 11.04 -0.76 16.09
N GLY A 257 12.19 -0.23 16.51
CA GLY A 257 13.42 -1.01 16.65
C GLY A 257 14.12 -1.16 15.30
N GLN A 258 13.75 -2.20 14.58
CA GLN A 258 14.31 -2.54 13.28
C GLN A 258 13.53 -1.90 12.13
N TYR A 259 14.21 -1.65 10.99
CA TYR A 259 13.58 -1.25 9.75
C TYR A 259 14.14 -2.15 8.66
N ASP A 260 13.56 -3.33 8.48
CA ASP A 260 13.99 -4.26 7.44
C ASP A 260 13.15 -4.05 6.19
N LEU A 261 13.66 -4.55 5.05
CA LEU A 261 12.97 -4.48 3.76
C LEU A 261 12.89 -5.88 3.20
N LEU A 262 11.75 -6.21 2.63
CA LEU A 262 11.51 -7.48 1.96
C LEU A 262 11.10 -7.19 0.52
N VAL A 263 11.83 -7.78 -0.43
CA VAL A 263 11.55 -7.58 -1.85
C VAL A 263 10.78 -8.81 -2.24
N LEU A 264 9.49 -8.62 -2.50
CA LEU A 264 8.57 -9.72 -2.81
C LEU A 264 8.70 -10.23 -4.24
N PRO A 265 8.00 -11.36 -4.60
CA PRO A 265 7.99 -11.80 -6.00
C PRO A 265 7.19 -10.78 -6.83
N PRO A 266 7.27 -10.84 -8.18
CA PRO A 266 6.65 -9.77 -9.00
C PRO A 266 5.16 -9.60 -8.90
N SER A 267 4.41 -10.61 -8.38
CA SER A 267 2.95 -10.51 -8.23
C SER A 267 2.51 -9.67 -7.06
N PHE A 268 3.46 -9.13 -6.23
CA PHE A 268 3.08 -8.28 -5.11
C PHE A 268 2.19 -7.11 -5.62
N PRO A 269 0.92 -6.98 -5.13
CA PRO A 269 -0.02 -6.03 -5.76
C PRO A 269 0.19 -4.52 -5.58
N TYR A 270 1.03 -4.11 -4.63
CA TYR A 270 1.28 -2.67 -4.44
C TYR A 270 2.78 -2.34 -4.61
N GLY A 271 3.09 -1.05 -4.69
CA GLY A 271 4.47 -0.58 -4.77
C GLY A 271 5.21 -0.91 -3.46
N GLY A 272 4.48 -0.75 -2.37
CA GLY A 272 5.01 -1.09 -1.05
C GLY A 272 3.91 -1.31 -0.03
N MET A 273 4.26 -1.88 1.12
CA MET A 273 3.37 -2.04 2.26
C MET A 273 4.19 -1.78 3.50
N GLU A 274 3.77 -0.79 4.27
CA GLU A 274 4.45 -0.28 5.46
C GLU A 274 4.32 -1.19 6.70
N ASN A 275 4.48 -2.50 6.51
CA ASN A 275 4.39 -3.43 7.63
C ASN A 275 5.47 -3.10 8.66
N PRO A 276 5.07 -2.86 9.92
CA PRO A 276 6.07 -2.42 10.94
C PRO A 276 7.20 -3.41 11.10
N CYS A 277 8.45 -2.90 11.15
CA CYS A 277 9.71 -3.64 11.27
C CYS A 277 10.13 -4.29 9.97
N LEU A 278 9.20 -4.47 9.01
CA LEU A 278 9.46 -5.16 7.76
C LEU A 278 8.65 -4.60 6.59
N THR A 279 9.14 -3.50 5.99
CA THR A 279 8.47 -2.93 4.81
C THR A 279 8.52 -3.95 3.65
N PHE A 280 7.39 -4.15 2.99
CA PHE A 280 7.30 -5.05 1.83
C PHE A 280 7.40 -4.17 0.59
N VAL A 281 8.16 -4.59 -0.43
CA VAL A 281 8.28 -3.80 -1.68
C VAL A 281 8.18 -4.66 -2.92
N THR A 282 7.68 -4.06 -4.00
CA THR A 282 7.61 -4.65 -5.33
C THR A 282 9.05 -4.82 -5.90
N PRO A 283 9.35 -5.92 -6.62
CA PRO A 283 10.66 -6.01 -7.27
C PRO A 283 10.73 -5.07 -8.51
N THR A 284 9.61 -4.39 -8.87
CA THR A 284 9.63 -3.41 -9.97
C THR A 284 10.37 -2.12 -9.56
N LEU A 285 10.79 -1.99 -8.26
CA LEU A 285 11.63 -0.86 -7.82
C LEU A 285 13.11 -1.06 -8.23
N LEU A 286 13.47 -2.29 -8.63
CA LEU A 286 14.86 -2.62 -8.97
C LEU A 286 15.28 -2.10 -10.35
N ALA A 287 15.32 -0.75 -10.48
CA ALA A 287 15.67 -0.05 -11.72
C ALA A 287 17.18 -0.14 -12.02
N GLY A 288 17.99 -0.36 -10.98
CA GLY A 288 19.45 -0.46 -11.09
C GLY A 288 20.19 0.84 -10.79
N ASP A 289 19.46 1.96 -10.57
CA ASP A 289 20.10 3.28 -10.33
C ASP A 289 19.54 4.01 -9.10
N LYS A 290 18.71 3.32 -8.28
CA LYS A 290 18.08 3.85 -7.06
C LYS A 290 17.02 4.93 -7.37
N SER A 291 16.63 5.09 -8.66
CA SER A 291 15.69 6.15 -9.07
C SER A 291 14.24 5.98 -8.54
N LEU A 292 13.84 4.77 -8.13
CA LEU A 292 12.48 4.57 -7.60
C LEU A 292 12.46 4.50 -6.06
N SER A 293 13.55 4.97 -5.41
CA SER A 293 13.70 4.96 -3.94
C SER A 293 12.70 5.86 -3.17
N ASN A 294 11.91 6.73 -3.86
CA ASN A 294 10.92 7.55 -3.14
C ASN A 294 9.89 6.62 -2.47
N VAL A 295 9.63 5.43 -3.04
CA VAL A 295 8.74 4.42 -2.46
C VAL A 295 9.27 4.02 -1.07
N ILE A 296 10.61 3.87 -0.92
CA ILE A 296 11.20 3.57 0.39
C ILE A 296 10.96 4.74 1.35
N ALA A 297 11.20 5.98 0.89
CA ALA A 297 10.96 7.20 1.68
C ALA A 297 9.48 7.23 2.15
N HIS A 298 8.54 6.83 1.26
CA HIS A 298 7.12 6.76 1.57
C HIS A 298 6.84 5.71 2.65
N GLU A 299 7.35 4.46 2.46
CA GLU A 299 7.15 3.41 3.46
C GLU A 299 7.77 3.76 4.82
N ILE A 300 8.97 4.35 4.81
CA ILE A 300 9.64 4.82 6.03
C ILE A 300 8.73 5.83 6.76
N SER A 301 8.17 6.82 6.02
CA SER A 301 7.34 7.89 6.57
C SER A 301 6.12 7.34 7.33
N HIS A 302 5.58 6.21 6.84
CA HIS A 302 4.46 5.52 7.48
C HIS A 302 4.75 5.07 8.91
N SER A 303 6.05 4.96 9.30
CA SER A 303 6.46 4.62 10.68
C SER A 303 5.99 5.66 11.72
N TRP A 304 5.59 6.84 11.22
CA TRP A 304 5.02 7.93 11.99
C TRP A 304 3.52 8.10 11.58
N THR A 305 3.27 8.51 10.34
CA THR A 305 1.92 8.77 9.83
C THR A 305 1.33 7.48 9.25
N GLY A 306 0.32 6.96 9.91
CA GLY A 306 -0.33 5.71 9.54
C GLY A 306 -0.09 4.64 10.59
N ASN A 307 1.18 4.31 10.88
CA ASN A 307 1.51 3.26 11.86
C ASN A 307 1.47 3.73 13.30
N LEU A 308 1.81 5.01 13.57
CA LEU A 308 1.70 5.57 14.92
C LEU A 308 0.36 6.30 15.04
N VAL A 309 0.07 7.24 14.10
CA VAL A 309 -1.17 8.01 14.02
C VAL A 309 -1.98 7.34 12.93
N THR A 310 -3.02 6.58 13.30
CA THR A 310 -3.80 5.81 12.33
C THR A 310 -5.18 6.41 12.07
N ASN A 311 -5.73 6.21 10.85
CA ASN A 311 -7.12 6.60 10.54
C ASN A 311 -8.04 5.68 11.38
N LYS A 312 -9.05 6.26 12.05
CA LYS A 312 -10.00 5.54 12.89
C LYS A 312 -10.86 4.57 12.09
N THR A 313 -11.26 4.98 10.88
CA THR A 313 -12.02 4.17 9.95
C THR A 313 -11.42 4.42 8.56
N TRP A 314 -11.79 3.58 7.59
CA TRP A 314 -11.27 3.72 6.24
C TRP A 314 -11.82 4.95 5.48
N ASP A 315 -12.89 5.57 6.00
CA ASP A 315 -13.45 6.81 5.44
C ASP A 315 -12.45 7.97 5.60
N HIS A 316 -11.54 7.85 6.58
CA HIS A 316 -10.54 8.88 6.91
C HIS A 316 -9.12 8.51 6.47
N PHE A 317 -9.01 7.56 5.51
CA PHE A 317 -7.76 7.05 4.95
C PHE A 317 -6.80 8.14 4.46
N TRP A 318 -7.33 9.27 3.97
CA TRP A 318 -6.52 10.39 3.51
C TRP A 318 -5.55 10.86 4.62
N LEU A 319 -5.95 10.73 5.92
CA LEU A 319 -5.09 11.14 7.04
C LEU A 319 -3.80 10.38 7.00
N ASN A 320 -3.90 9.07 6.68
CA ASN A 320 -2.78 8.18 6.56
C ASN A 320 -1.89 8.56 5.38
N GLU A 321 -2.45 8.62 4.17
CA GLU A 321 -1.65 8.83 2.96
C GLU A 321 -1.21 10.25 2.71
N GLY A 322 -2.13 11.21 2.88
CA GLY A 322 -1.83 12.62 2.69
C GLY A 322 -0.61 13.05 3.50
N HIS A 323 -0.61 12.74 4.81
CA HIS A 323 0.53 13.10 5.68
C HIS A 323 1.79 12.33 5.33
N THR A 324 1.66 11.08 4.86
CA THR A 324 2.82 10.24 4.48
C THR A 324 3.49 10.78 3.21
N VAL A 325 2.68 11.18 2.21
CA VAL A 325 3.20 11.74 0.96
C VAL A 325 3.90 13.05 1.29
N TYR A 326 3.31 13.82 2.24
CA TYR A 326 3.87 15.09 2.67
C TYR A 326 5.28 14.86 3.30
N LEU A 327 5.40 13.91 4.23
CA LEU A 327 6.66 13.58 4.89
C LEU A 327 7.67 13.02 3.84
N GLU A 328 7.22 12.06 3.00
CA GLU A 328 8.02 11.46 1.92
C GLU A 328 8.66 12.56 1.03
N ARG A 329 7.85 13.56 0.60
CA ARG A 329 8.33 14.65 -0.28
C ARG A 329 9.33 15.56 0.45
N HIS A 330 9.23 15.65 1.79
CA HIS A 330 10.24 16.37 2.58
C HIS A 330 11.55 15.58 2.68
N ILE A 331 11.48 14.24 2.73
CA ILE A 331 12.71 13.42 2.78
C ILE A 331 13.50 13.63 1.48
N CYS A 332 12.81 13.47 0.33
CA CYS A 332 13.41 13.67 -0.98
C CYS A 332 13.88 15.12 -1.18
N GLY A 333 13.15 16.07 -0.61
CA GLY A 333 13.50 17.49 -0.58
C GLY A 333 14.78 17.74 0.20
N ARG A 334 14.96 17.08 1.36
CA ARG A 334 16.20 17.21 2.16
C ARG A 334 17.38 16.63 1.39
N LEU A 335 17.18 15.46 0.76
CA LEU A 335 18.24 14.79 0.01
C LEU A 335 18.61 15.43 -1.32
N PHE A 336 17.63 16.00 -2.04
CA PHE A 336 17.91 16.51 -3.39
C PHE A 336 17.53 17.97 -3.65
N GLY A 337 17.07 18.68 -2.62
CA GLY A 337 16.74 20.08 -2.74
C GLY A 337 15.25 20.39 -2.85
N GLU A 338 14.92 21.63 -2.49
CA GLU A 338 13.56 22.14 -2.50
C GLU A 338 12.95 22.17 -3.94
N LYS A 339 13.76 22.46 -4.99
CA LYS A 339 13.23 22.46 -6.38
C LYS A 339 12.74 21.04 -6.73
N PHE A 340 13.48 20.01 -6.27
CA PHE A 340 13.08 18.61 -6.48
C PHE A 340 11.77 18.28 -5.76
N ARG A 341 11.59 18.77 -4.51
CA ARG A 341 10.35 18.57 -3.75
C ARG A 341 9.17 19.20 -4.51
N HIS A 342 9.35 20.41 -5.05
CA HIS A 342 8.31 21.09 -5.85
C HIS A 342 7.99 20.32 -7.13
N PHE A 343 9.03 19.77 -7.80
CA PHE A 343 8.87 18.97 -9.02
C PHE A 343 7.98 17.75 -8.68
N ASN A 344 8.31 17.03 -7.58
CA ASN A 344 7.54 15.87 -7.14
C ASN A 344 6.14 16.22 -6.75
N ALA A 345 5.94 17.40 -6.12
CA ALA A 345 4.62 17.88 -5.71
C ALA A 345 3.75 18.16 -6.94
N LEU A 346 4.34 18.81 -7.97
CA LEU A 346 3.63 19.14 -9.21
C LEU A 346 3.25 17.90 -10.00
N GLY A 347 4.12 16.90 -9.99
CA GLY A 347 3.88 15.59 -10.58
C GLY A 347 2.67 14.94 -9.91
N GLY A 348 2.60 15.10 -8.59
CA GLY A 348 1.51 14.60 -7.76
C GLY A 348 0.17 15.21 -8.11
N TRP A 349 0.16 16.52 -8.38
CA TRP A 349 -1.03 17.25 -8.82
C TRP A 349 -1.53 16.69 -10.17
N GLY A 350 -0.60 16.38 -11.07
CA GLY A 350 -0.90 15.80 -12.38
C GLY A 350 -1.51 14.41 -12.26
N GLU A 351 -1.02 13.59 -11.30
CA GLU A 351 -1.59 12.27 -11.04
C GLU A 351 -3.01 12.44 -10.45
N LEU A 352 -3.25 13.53 -9.72
CA LEU A 352 -4.58 13.83 -9.16
C LEU A 352 -5.55 14.21 -10.28
N GLN A 353 -5.07 15.01 -11.27
CA GLN A 353 -5.87 15.40 -12.43
C GLN A 353 -6.33 14.14 -13.14
N ASN A 354 -5.39 13.17 -13.34
CA ASN A 354 -5.61 11.88 -14.00
C ASN A 354 -6.69 11.07 -13.30
N SER A 355 -6.62 10.95 -11.97
CA SER A 355 -7.59 10.20 -11.15
C SER A 355 -8.98 10.82 -11.22
N VAL A 356 -9.06 12.15 -11.11
CA VAL A 356 -10.31 12.91 -11.17
C VAL A 356 -10.94 12.74 -12.57
N LYS A 357 -10.11 12.76 -13.63
CA LYS A 357 -10.57 12.57 -15.00
C LYS A 357 -11.10 11.15 -15.22
N THR A 358 -10.42 10.12 -14.66
CA THR A 358 -10.79 8.71 -14.76
C THR A 358 -12.15 8.42 -14.05
N PHE A 359 -12.32 8.91 -12.82
CA PHE A 359 -13.55 8.69 -12.06
C PHE A 359 -14.70 9.56 -12.56
N GLY A 360 -14.38 10.79 -12.95
CA GLY A 360 -15.32 11.84 -13.29
C GLY A 360 -15.29 12.81 -12.13
N GLU A 361 -15.33 14.11 -12.41
CA GLU A 361 -15.24 15.19 -11.42
C GLU A 361 -16.36 15.22 -10.35
N THR A 362 -17.48 14.49 -10.57
CA THR A 362 -18.56 14.46 -9.58
C THR A 362 -18.56 13.11 -8.79
N HIS A 363 -17.64 12.18 -9.14
CA HIS A 363 -17.56 10.87 -8.50
C HIS A 363 -17.29 10.93 -6.98
N PRO A 364 -18.08 10.17 -6.17
CA PRO A 364 -17.87 10.19 -4.70
C PRO A 364 -16.47 9.77 -4.23
N PHE A 365 -15.72 8.97 -5.01
CA PHE A 365 -14.35 8.56 -4.63
C PHE A 365 -13.33 9.70 -4.86
N THR A 366 -13.76 10.82 -5.45
CA THR A 366 -12.85 11.96 -5.66
C THR A 366 -12.91 12.90 -4.45
N LYS A 367 -13.82 12.61 -3.51
CA LYS A 367 -13.96 13.35 -2.26
C LYS A 367 -12.74 12.95 -1.39
N LEU A 368 -12.31 13.86 -0.52
CA LEU A 368 -11.18 13.58 0.36
C LEU A 368 -11.60 12.62 1.46
N VAL A 369 -12.66 12.97 2.22
CA VAL A 369 -13.28 12.10 3.20
C VAL A 369 -14.38 11.35 2.41
N VAL A 370 -14.29 10.02 2.39
CA VAL A 370 -15.23 9.19 1.63
C VAL A 370 -16.27 8.49 2.54
N ASP A 371 -17.26 7.86 1.91
CA ASP A 371 -18.27 7.10 2.63
C ASP A 371 -18.21 5.70 2.02
N LEU A 372 -17.58 4.76 2.75
CA LEU A 372 -17.41 3.40 2.25
C LEU A 372 -18.53 2.42 2.63
N THR A 373 -19.72 2.94 3.01
CA THR A 373 -20.90 2.11 3.30
C THR A 373 -21.21 1.29 2.05
N ASP A 374 -21.14 -0.04 2.17
CA ASP A 374 -21.40 -0.99 1.07
C ASP A 374 -20.42 -0.87 -0.13
N ILE A 375 -19.23 -0.29 0.10
CA ILE A 375 -18.17 -0.17 -0.91
C ILE A 375 -17.01 -1.05 -0.46
N ASP A 376 -16.51 -1.90 -1.36
CA ASP A 376 -15.33 -2.70 -1.07
C ASP A 376 -14.13 -1.71 -1.10
N PRO A 377 -13.37 -1.56 0.01
CA PRO A 377 -12.24 -0.62 0.00
C PRO A 377 -11.25 -0.81 -1.18
N ASP A 378 -11.02 -2.07 -1.60
CA ASP A 378 -10.15 -2.39 -2.73
C ASP A 378 -10.59 -1.74 -4.04
N VAL A 379 -11.91 -1.64 -4.28
CA VAL A 379 -12.54 -1.02 -5.46
C VAL A 379 -12.39 0.52 -5.39
N ALA A 380 -12.40 1.09 -4.17
CA ALA A 380 -12.30 2.54 -3.97
C ALA A 380 -10.85 3.03 -4.10
N TYR A 381 -9.87 2.16 -3.83
CA TYR A 381 -8.45 2.50 -3.89
C TYR A 381 -8.04 3.29 -5.14
N SER A 382 -7.33 4.41 -4.91
CA SER A 382 -6.83 5.30 -5.96
C SER A 382 -5.78 6.27 -5.38
N SER A 383 -5.26 7.15 -6.25
CA SER A 383 -4.31 8.21 -5.94
C SER A 383 -4.97 9.41 -5.23
N VAL A 384 -6.32 9.50 -5.21
CA VAL A 384 -7.05 10.63 -4.61
C VAL A 384 -6.66 10.88 -3.11
N PRO A 385 -6.76 9.91 -2.16
CA PRO A 385 -6.39 10.21 -0.77
C PRO A 385 -4.93 10.60 -0.62
N TYR A 386 -4.06 10.05 -1.49
CA TYR A 386 -2.63 10.37 -1.55
C TYR A 386 -2.41 11.82 -1.98
N GLU A 387 -2.89 12.18 -3.18
CA GLU A 387 -2.62 13.46 -3.83
C GLU A 387 -3.58 14.58 -3.48
N LYS A 388 -4.87 14.31 -3.25
CA LYS A 388 -5.74 15.41 -2.79
C LYS A 388 -5.37 15.71 -1.32
N GLY A 389 -4.99 14.65 -0.59
CA GLY A 389 -4.50 14.74 0.79
C GLY A 389 -3.22 15.54 0.82
N PHE A 390 -2.27 15.20 -0.07
CA PHE A 390 -1.03 15.98 -0.16
C PHE A 390 -1.32 17.45 -0.56
N ALA A 391 -2.16 17.67 -1.61
CA ALA A 391 -2.49 19.04 -2.09
C ALA A 391 -3.02 19.92 -0.97
N LEU A 392 -3.86 19.37 -0.07
CA LEU A 392 -4.39 20.10 1.07
C LEU A 392 -3.29 20.57 2.02
N LEU A 393 -2.41 19.65 2.39
CA LEU A 393 -1.30 19.92 3.31
C LEU A 393 -0.30 20.90 2.71
N PHE A 394 -0.01 20.76 1.41
CA PHE A 394 0.92 21.65 0.69
C PHE A 394 0.30 23.06 0.58
N TYR A 395 -1.01 23.12 0.35
CA TYR A 395 -1.76 24.38 0.34
C TYR A 395 -1.71 25.03 1.73
N LEU A 396 -1.96 24.23 2.82
CA LEU A 396 -1.90 24.72 4.21
C LEU A 396 -0.50 25.21 4.56
N GLU A 397 0.55 24.48 4.13
CA GLU A 397 1.95 24.86 4.33
C GLU A 397 2.22 26.29 3.76
N GLN A 398 1.73 26.57 2.56
CA GLN A 398 1.91 27.86 1.89
C GLN A 398 1.09 28.97 2.56
N LEU A 399 -0.12 28.63 2.95
CA LEU A 399 -1.03 29.54 3.61
C LEU A 399 -0.55 29.94 5.02
N LEU A 400 0.08 29.00 5.74
CA LEU A 400 0.49 29.19 7.14
C LEU A 400 1.95 29.62 7.37
N GLY A 401 2.71 29.93 6.32
CA GLY A 401 4.05 30.46 6.49
C GLY A 401 5.26 29.66 6.04
N GLY A 402 5.03 28.54 5.35
CA GLY A 402 6.15 27.78 4.82
C GLY A 402 6.42 26.40 5.39
N PRO A 403 7.37 25.69 4.73
CA PRO A 403 7.67 24.30 5.13
C PRO A 403 8.20 24.13 6.55
N GLU A 404 9.10 25.00 7.02
CA GLU A 404 9.64 24.92 8.38
C GLU A 404 8.53 25.02 9.47
N ILE A 405 7.59 25.96 9.27
CA ILE A 405 6.45 26.17 10.17
C ILE A 405 5.52 24.95 10.10
N PHE A 406 5.18 24.48 8.89
CA PHE A 406 4.28 23.34 8.74
C PHE A 406 4.85 22.02 9.27
N LEU A 407 6.19 21.86 9.16
CA LEU A 407 6.90 20.69 9.68
C LEU A 407 6.82 20.67 11.22
N GLY A 408 6.78 21.85 11.84
CA GLY A 408 6.60 21.98 13.29
C GLY A 408 5.24 21.42 13.66
N PHE A 409 4.20 21.72 12.86
CA PHE A 409 2.87 21.16 13.06
C PHE A 409 2.90 19.63 12.90
N LEU A 410 3.54 19.14 11.81
CA LEU A 410 3.61 17.70 11.53
C LEU A 410 4.17 16.92 12.75
N LYS A 411 5.29 17.40 13.32
CA LYS A 411 5.91 16.75 14.47
C LYS A 411 5.01 16.77 15.71
N ALA A 412 4.32 17.89 15.95
CA ALA A 412 3.43 18.03 17.10
C ALA A 412 2.20 17.12 16.94
N TYR A 413 1.68 17.00 15.70
CA TYR A 413 0.56 16.14 15.30
C TYR A 413 0.90 14.67 15.57
N VAL A 414 2.10 14.24 15.18
CA VAL A 414 2.56 12.86 15.42
C VAL A 414 2.65 12.60 16.93
N GLU A 415 3.25 13.55 17.67
CA GLU A 415 3.43 13.42 19.12
C GLU A 415 2.06 13.32 19.82
N LYS A 416 1.15 14.24 19.49
CA LYS A 416 -0.20 14.30 20.03
C LYS A 416 -0.99 13.01 19.84
N PHE A 417 -0.94 12.43 18.64
CA PHE A 417 -1.78 11.28 18.35
C PHE A 417 -1.07 9.92 18.22
N SER A 418 0.20 9.83 18.64
CA SER A 418 0.91 8.55 18.57
C SER A 418 0.17 7.48 19.37
N TYR A 419 0.07 6.26 18.79
CA TYR A 419 -0.59 5.08 19.37
C TYR A 419 -2.11 5.22 19.39
N LYS A 420 -2.66 6.23 18.70
CA LYS A 420 -4.10 6.46 18.61
C LYS A 420 -4.64 6.33 17.18
N SER A 421 -5.98 6.20 17.06
CA SER A 421 -6.74 6.16 15.81
C SER A 421 -7.65 7.38 15.82
N ILE A 422 -7.55 8.20 14.78
CA ILE A 422 -8.25 9.49 14.73
C ILE A 422 -9.08 9.71 13.47
N THR A 423 -9.96 10.72 13.51
CA THR A 423 -10.81 11.11 12.37
C THR A 423 -10.33 12.45 11.82
N THR A 424 -10.93 12.89 10.71
CA THR A 424 -10.65 14.17 10.08
C THR A 424 -10.94 15.33 11.06
N ASP A 425 -12.05 15.24 11.82
CA ASP A 425 -12.40 16.24 12.85
C ASP A 425 -11.33 16.38 13.93
N ASP A 426 -10.73 15.25 14.38
CA ASP A 426 -9.62 15.26 15.36
C ASP A 426 -8.41 16.01 14.77
N TRP A 427 -8.06 15.71 13.50
CA TRP A 427 -6.94 16.37 12.81
C TRP A 427 -7.21 17.89 12.70
N LYS A 428 -8.40 18.28 12.20
CA LYS A 428 -8.79 19.68 12.00
C LYS A 428 -8.79 20.47 13.32
N ASP A 429 -9.30 19.85 14.39
CA ASP A 429 -9.32 20.44 15.73
C ASP A 429 -7.88 20.72 16.20
N PHE A 430 -6.97 19.74 16.00
CA PHE A 430 -5.57 19.93 16.39
C PHE A 430 -4.87 20.99 15.54
N LEU A 431 -5.18 21.04 14.22
CA LEU A 431 -4.62 22.04 13.32
C LEU A 431 -4.98 23.44 13.81
N TYR A 432 -6.26 23.63 14.20
CA TYR A 432 -6.81 24.90 14.73
C TYR A 432 -6.20 25.26 16.08
N SER A 433 -5.91 24.26 16.94
CA SER A 433 -5.28 24.45 18.25
C SER A 433 -3.81 24.85 18.07
N TYR A 434 -3.04 24.09 17.27
CA TYR A 434 -1.63 24.39 16.99
C TYR A 434 -1.46 25.77 16.35
N PHE A 435 -2.32 26.11 15.38
CA PHE A 435 -2.30 27.40 14.67
C PHE A 435 -3.34 28.39 15.18
N LYS A 436 -3.57 28.40 16.51
CA LYS A 436 -4.50 29.32 17.17
C LYS A 436 -4.22 30.81 16.81
N ASP A 437 -2.95 31.19 16.59
CA ASP A 437 -2.56 32.56 16.21
C ASP A 437 -2.79 32.86 14.73
N LYS A 438 -3.26 31.86 13.95
CA LYS A 438 -3.52 32.00 12.52
C LYS A 438 -4.93 31.46 12.15
N VAL A 439 -5.86 31.50 13.11
CA VAL A 439 -7.25 31.02 12.94
C VAL A 439 -8.00 31.84 11.85
N ASP A 440 -7.65 33.14 11.72
CA ASP A 440 -8.23 34.03 10.70
C ASP A 440 -7.86 33.53 9.28
N VAL A 441 -6.60 33.07 9.10
CA VAL A 441 -6.08 32.50 7.86
C VAL A 441 -6.77 31.14 7.61
N LEU A 442 -6.89 30.31 8.66
CA LEU A 442 -7.53 29.00 8.59
C LEU A 442 -9.00 29.08 8.23
N ASN A 443 -9.69 30.16 8.67
CA ASN A 443 -11.12 30.35 8.39
C ASN A 443 -11.40 30.78 6.94
N GLN A 444 -10.35 31.10 6.17
CA GLN A 444 -10.44 31.44 4.73
C GLN A 444 -10.44 30.16 3.89
N VAL A 445 -10.02 29.02 4.48
CA VAL A 445 -10.01 27.73 3.78
C VAL A 445 -11.44 27.26 3.55
N ASP A 446 -11.77 26.85 2.30
CA ASP A 446 -13.08 26.31 1.99
C ASP A 446 -13.04 24.83 2.40
N TRP A 447 -13.22 24.58 3.71
CA TRP A 447 -13.16 23.25 4.32
C TRP A 447 -14.19 22.29 3.72
N ASN A 448 -15.45 22.74 3.55
CA ASN A 448 -16.51 21.90 2.97
C ASN A 448 -16.11 21.37 1.57
N ALA A 449 -15.50 22.24 0.74
CA ALA A 449 -15.04 21.84 -0.59
C ALA A 449 -13.83 20.90 -0.53
N TRP A 450 -12.79 21.28 0.21
CA TRP A 450 -11.56 20.48 0.33
C TRP A 450 -11.79 19.06 0.86
N LEU A 451 -12.59 18.93 1.94
CA LEU A 451 -12.85 17.66 2.62
C LEU A 451 -14.01 16.82 2.08
N TYR A 452 -15.13 17.46 1.69
CA TYR A 452 -16.36 16.75 1.35
C TYR A 452 -16.88 16.90 -0.10
N SER A 453 -16.24 17.72 -0.94
CA SER A 453 -16.69 17.89 -2.31
C SER A 453 -15.89 17.08 -3.32
N PRO A 454 -16.56 16.54 -4.35
CA PRO A 454 -15.81 15.81 -5.38
C PRO A 454 -15.01 16.74 -6.31
N GLY A 455 -14.17 16.14 -7.14
CA GLY A 455 -13.38 16.82 -8.17
C GLY A 455 -12.06 17.38 -7.70
N LEU A 456 -11.48 18.26 -8.54
CA LEU A 456 -10.22 18.91 -8.22
C LEU A 456 -10.43 19.88 -7.06
N PRO A 457 -9.42 20.06 -6.16
CA PRO A 457 -9.58 20.99 -5.05
C PRO A 457 -9.95 22.41 -5.49
N PRO A 458 -10.58 23.22 -4.61
CA PRO A 458 -10.97 24.59 -5.03
C PRO A 458 -9.82 25.55 -5.33
N ILE A 459 -8.62 25.27 -4.78
CA ILE A 459 -7.41 26.08 -4.96
C ILE A 459 -6.27 25.15 -5.33
N LYS A 460 -5.46 25.57 -6.32
CA LYS A 460 -4.25 24.84 -6.67
C LYS A 460 -3.06 25.54 -5.96
N PRO A 461 -2.19 24.79 -5.24
CA PRO A 461 -1.03 25.42 -4.60
C PRO A 461 -0.04 26.04 -5.62
N ASN A 462 0.96 26.77 -5.13
CA ASN A 462 2.00 27.38 -5.97
C ASN A 462 3.17 26.41 -6.09
N TYR A 463 3.66 26.21 -7.31
CA TYR A 463 4.77 25.27 -7.52
C TYR A 463 5.92 25.90 -8.28
N ASP A 464 7.14 25.72 -7.78
CA ASP A 464 8.36 26.09 -8.48
C ASP A 464 8.38 25.20 -9.76
N MET A 465 8.68 25.82 -10.91
CA MET A 465 8.66 25.18 -12.23
C MET A 465 10.02 24.77 -12.79
N THR A 466 11.13 25.15 -12.12
CA THR A 466 12.51 24.94 -12.59
C THR A 466 12.75 23.56 -13.25
N LEU A 467 12.45 22.46 -12.56
CA LEU A 467 12.72 21.12 -13.10
C LEU A 467 11.63 20.58 -14.04
N THR A 468 10.43 21.18 -14.00
CA THR A 468 9.30 20.73 -14.83
C THR A 468 9.34 21.36 -16.23
N ASN A 469 9.88 22.58 -16.37
CA ASN A 469 9.92 23.33 -17.64
C ASN A 469 10.42 22.52 -18.83
N ALA A 470 11.57 21.85 -18.69
CA ALA A 470 12.14 21.05 -19.78
C ALA A 470 11.21 19.90 -20.20
N CYS A 471 10.46 19.29 -19.23
CA CYS A 471 9.50 18.19 -19.50
C CYS A 471 8.31 18.68 -20.33
N ILE A 472 7.74 19.82 -19.92
CA ILE A 472 6.61 20.43 -20.59
C ILE A 472 7.03 20.89 -21.97
N ALA A 473 8.23 21.51 -22.09
CA ALA A 473 8.72 22.00 -23.37
C ALA A 473 8.87 20.85 -24.36
N LEU A 474 9.50 19.73 -23.96
CA LEU A 474 9.67 18.60 -24.87
C LEU A 474 8.33 17.95 -25.26
N SER A 475 7.45 17.75 -24.28
CA SER A 475 6.13 17.18 -24.49
C SER A 475 5.33 18.04 -25.49
N GLN A 476 5.36 19.38 -25.31
CA GLN A 476 4.64 20.33 -26.18
C GLN A 476 5.19 20.36 -27.58
N ARG A 477 6.52 20.18 -27.76
CA ARG A 477 7.17 20.06 -29.07
C ARG A 477 6.60 18.84 -29.80
N TRP A 478 6.47 17.69 -29.11
CA TRP A 478 5.93 16.47 -29.73
C TRP A 478 4.43 16.62 -30.07
N ILE A 479 3.65 17.15 -29.13
CA ILE A 479 2.19 17.32 -29.32
C ILE A 479 1.87 18.27 -30.50
N THR A 480 2.59 19.40 -30.61
CA THR A 480 2.39 20.42 -31.67
C THR A 480 3.08 20.06 -33.00
N ALA A 481 3.99 19.08 -32.97
CA ALA A 481 4.73 18.68 -34.18
C ALA A 481 3.79 18.15 -35.24
N LYS A 482 4.05 18.52 -36.50
CA LYS A 482 3.36 17.90 -37.64
C LYS A 482 4.37 16.92 -38.25
N GLU A 483 3.96 16.14 -39.27
CA GLU A 483 4.84 15.14 -39.89
C GLU A 483 6.21 15.72 -40.32
N ASP A 484 6.21 16.94 -40.89
CA ASP A 484 7.45 17.57 -41.38
C ASP A 484 8.38 18.09 -40.24
N ASP A 485 7.94 17.99 -38.95
CA ASP A 485 8.76 18.39 -37.79
C ASP A 485 9.42 17.19 -37.10
N LEU A 486 8.98 15.96 -37.44
CA LEU A 486 9.49 14.74 -36.81
C LEU A 486 10.99 14.50 -37.00
N ASN A 487 11.54 14.95 -38.14
CA ASN A 487 12.97 14.79 -38.42
C ASN A 487 13.87 15.60 -37.46
N SER A 488 13.36 16.70 -36.88
CA SER A 488 14.07 17.55 -35.93
C SER A 488 14.35 16.87 -34.58
N PHE A 489 13.55 15.84 -34.17
CA PHE A 489 13.77 15.14 -32.90
C PHE A 489 15.01 14.23 -33.01
N ASN A 490 15.75 14.12 -31.92
CA ASN A 490 17.02 13.36 -31.87
C ASN A 490 17.29 12.91 -30.43
N ALA A 491 18.12 11.86 -30.25
CA ALA A 491 18.51 11.36 -28.93
C ALA A 491 19.06 12.49 -28.02
N THR A 492 19.66 13.55 -28.62
CA THR A 492 20.21 14.71 -27.89
C THR A 492 19.12 15.50 -27.10
N ASP A 493 17.83 15.37 -27.47
CA ASP A 493 16.75 16.04 -26.72
C ASP A 493 16.71 15.56 -25.24
N LEU A 494 17.14 14.32 -24.95
CA LEU A 494 17.09 13.76 -23.60
C LEU A 494 18.38 13.90 -22.79
N LYS A 495 19.45 14.43 -23.38
CA LYS A 495 20.78 14.45 -22.76
C LYS A 495 20.82 15.12 -21.37
N ASP A 496 20.03 16.19 -21.15
CA ASP A 496 20.02 16.90 -19.89
C ASP A 496 18.82 16.54 -19.00
N LEU A 497 18.15 15.43 -19.29
CA LEU A 497 17.00 15.01 -18.49
C LEU A 497 17.35 13.86 -17.56
N SER A 498 16.95 13.97 -16.28
CA SER A 498 17.15 12.87 -15.32
C SER A 498 16.06 11.83 -15.64
N SER A 499 16.15 10.61 -15.06
CA SER A 499 15.12 9.58 -15.25
C SER A 499 13.75 10.11 -14.78
N HIS A 500 13.74 10.91 -13.68
CA HIS A 500 12.53 11.55 -13.14
C HIS A 500 11.92 12.50 -14.17
N GLN A 501 12.77 13.29 -14.85
CA GLN A 501 12.32 14.20 -15.91
C GLN A 501 11.81 13.46 -17.15
N LEU A 502 12.45 12.33 -17.51
CA LEU A 502 12.03 11.49 -18.64
C LEU A 502 10.63 10.96 -18.36
N ASN A 503 10.42 10.50 -17.12
CA ASN A 503 9.13 10.00 -16.66
C ASN A 503 8.06 11.08 -16.72
N GLU A 504 8.39 12.32 -16.26
CA GLU A 504 7.47 13.46 -16.30
C GLU A 504 7.14 13.87 -17.76
N PHE A 505 8.14 13.82 -18.68
CA PHE A 505 7.94 14.09 -20.11
C PHE A 505 6.90 13.08 -20.63
N LEU A 506 7.05 11.79 -20.29
CA LEU A 506 6.08 10.79 -20.73
C LEU A 506 4.70 10.98 -20.11
N ALA A 507 4.63 11.37 -18.83
CA ALA A 507 3.36 11.60 -18.13
C ALA A 507 2.59 12.76 -18.79
N GLN A 508 3.30 13.87 -19.10
CA GLN A 508 2.75 15.05 -19.78
C GLN A 508 2.18 14.68 -21.16
N THR A 509 2.90 13.85 -21.91
CA THR A 509 2.53 13.44 -23.26
C THR A 509 1.36 12.45 -23.20
N LEU A 510 1.38 11.54 -22.22
CA LEU A 510 0.31 10.56 -22.01
C LEU A 510 -1.03 11.24 -21.68
N GLN A 511 -0.98 12.38 -20.97
CA GLN A 511 -2.19 13.16 -20.66
C GLN A 511 -2.93 13.66 -21.93
N ARG A 512 -2.21 13.81 -23.06
CA ARG A 512 -2.75 14.26 -24.35
C ARG A 512 -2.92 13.12 -25.36
N ALA A 513 -2.72 11.87 -24.90
CA ALA A 513 -2.84 10.70 -25.75
C ALA A 513 -4.29 10.50 -26.24
N PRO A 514 -4.50 10.01 -27.47
CA PRO A 514 -3.47 9.54 -28.41
C PRO A 514 -2.75 10.62 -29.16
N LEU A 515 -1.53 10.30 -29.58
CA LEU A 515 -0.75 11.11 -30.49
C LEU A 515 -0.80 10.34 -31.82
N PRO A 516 -0.48 10.96 -32.98
CA PRO A 516 -0.50 10.18 -34.24
C PRO A 516 0.47 8.99 -34.15
N LEU A 517 0.12 7.88 -34.80
CA LEU A 517 0.98 6.70 -34.82
C LEU A 517 2.42 6.99 -35.34
N GLY A 518 2.56 7.83 -36.35
CA GLY A 518 3.86 8.27 -36.88
C GLY A 518 4.75 8.94 -35.84
N HIS A 519 4.15 9.74 -34.94
CA HIS A 519 4.90 10.42 -33.86
C HIS A 519 5.46 9.38 -32.88
N ILE A 520 4.64 8.39 -32.47
CA ILE A 520 5.07 7.34 -31.54
C ILE A 520 6.19 6.48 -32.15
N LYS A 521 6.04 6.12 -33.43
CA LYS A 521 7.07 5.35 -34.16
C LYS A 521 8.38 6.14 -34.19
N ARG A 522 8.30 7.46 -34.44
CA ARG A 522 9.49 8.34 -34.44
C ARG A 522 10.14 8.41 -33.05
N MET A 523 9.33 8.49 -31.97
CA MET A 523 9.82 8.55 -30.59
C MET A 523 10.69 7.32 -30.29
N GLN A 524 10.24 6.13 -30.76
CA GLN A 524 11.03 4.91 -30.59
C GLN A 524 12.32 4.99 -31.42
N GLU A 525 12.19 5.44 -32.71
CA GLU A 525 13.33 5.58 -33.64
C GLU A 525 14.46 6.40 -33.02
N VAL A 526 14.14 7.55 -32.39
CA VAL A 526 15.17 8.47 -31.89
C VAL A 526 15.49 8.32 -30.39
N TYR A 527 14.53 7.86 -29.57
CA TYR A 527 14.76 7.77 -28.13
C TYR A 527 14.96 6.37 -27.60
N ASN A 528 14.61 5.33 -28.41
CA ASN A 528 14.75 3.92 -28.05
C ASN A 528 14.17 3.63 -26.65
N PHE A 529 12.93 4.10 -26.42
CA PHE A 529 12.25 3.88 -25.15
C PHE A 529 12.00 2.40 -24.87
N ASN A 530 11.88 1.56 -25.91
CA ASN A 530 11.71 0.09 -25.79
C ASN A 530 12.84 -0.58 -24.97
N ALA A 531 14.04 0.01 -24.97
CA ALA A 531 15.18 -0.53 -24.24
C ALA A 531 15.21 -0.18 -22.75
N ILE A 532 14.35 0.75 -22.28
CA ILE A 532 14.35 1.21 -20.88
C ILE A 532 13.68 0.17 -19.97
N ASN A 533 14.41 -0.29 -18.95
CA ASN A 533 13.87 -1.26 -17.99
C ASN A 533 13.17 -0.60 -16.79
N ASN A 534 13.44 0.71 -16.53
CA ASN A 534 12.80 1.43 -15.42
C ASN A 534 11.26 1.22 -15.56
N SER A 535 10.64 0.52 -14.59
CA SER A 535 9.22 0.16 -14.61
C SER A 535 8.28 1.38 -14.78
N GLU A 536 8.57 2.52 -14.15
CA GLU A 536 7.70 3.70 -14.28
C GLU A 536 7.69 4.30 -15.69
N ILE A 537 8.90 4.48 -16.27
CA ILE A 537 9.08 4.99 -17.62
C ILE A 537 8.50 3.99 -18.62
N ARG A 538 8.86 2.70 -18.48
CA ARG A 538 8.38 1.66 -19.39
C ARG A 538 6.85 1.58 -19.38
N PHE A 539 6.24 1.62 -18.21
CA PHE A 539 4.78 1.60 -18.10
C PHE A 539 4.12 2.76 -18.87
N ARG A 540 4.59 4.02 -18.67
CA ARG A 540 3.99 5.18 -19.35
C ARG A 540 4.22 5.12 -20.87
N TRP A 541 5.41 4.70 -21.29
CA TRP A 541 5.76 4.54 -22.70
C TRP A 541 4.86 3.50 -23.37
N LEU A 542 4.63 2.34 -22.71
CA LEU A 542 3.76 1.33 -23.30
C LEU A 542 2.29 1.77 -23.39
N ARG A 543 1.83 2.51 -22.38
CA ARG A 543 0.47 3.06 -22.34
C ARG A 543 0.36 4.04 -23.51
N LEU A 544 1.39 4.88 -23.70
CA LEU A 544 1.42 5.86 -24.79
C LEU A 544 1.34 5.15 -26.15
N CYS A 545 2.10 4.06 -26.32
CA CYS A 545 2.11 3.25 -27.56
C CYS A 545 0.75 2.63 -27.85
N ILE A 546 0.15 1.97 -26.83
CA ILE A 546 -1.15 1.30 -26.96
C ILE A 546 -2.28 2.30 -27.23
N GLN A 547 -2.30 3.42 -26.47
CA GLN A 547 -3.32 4.44 -26.69
C GLN A 547 -3.14 5.15 -28.06
N SER A 548 -1.93 5.14 -28.61
CA SER A 548 -1.66 5.72 -29.95
C SER A 548 -1.77 4.67 -31.06
N LYS A 549 -2.30 3.47 -30.69
CA LYS A 549 -2.66 2.35 -31.56
C LYS A 549 -1.48 1.72 -32.33
N TRP A 550 -0.36 1.51 -31.66
CA TRP A 550 0.80 0.86 -32.25
C TRP A 550 0.72 -0.65 -31.93
N GLU A 551 0.39 -1.46 -32.93
CA GLU A 551 0.26 -2.92 -32.79
C GLU A 551 1.52 -3.61 -32.28
N ASP A 552 2.71 -3.11 -32.65
CA ASP A 552 4.01 -3.66 -32.22
C ASP A 552 4.13 -3.64 -30.69
N ALA A 553 3.50 -2.65 -30.03
CA ALA A 553 3.54 -2.56 -28.58
C ALA A 553 2.68 -3.61 -27.87
N ILE A 554 1.70 -4.25 -28.57
CA ILE A 554 0.80 -5.24 -27.96
C ILE A 554 1.57 -6.36 -27.22
N PRO A 555 2.51 -7.13 -27.84
CA PRO A 555 3.25 -8.14 -27.03
C PRO A 555 4.03 -7.56 -25.85
N LEU A 556 4.63 -6.36 -26.00
CA LEU A 556 5.37 -5.71 -24.90
C LEU A 556 4.46 -5.37 -23.72
N ALA A 557 3.28 -4.78 -24.02
CA ALA A 557 2.30 -4.39 -22.99
C ALA A 557 1.73 -5.64 -22.30
N LEU A 558 1.44 -6.72 -23.08
CA LEU A 558 0.91 -7.97 -22.52
C LEU A 558 1.94 -8.60 -21.58
N LYS A 559 3.22 -8.62 -22.01
CA LYS A 559 4.33 -9.13 -21.21
C LYS A 559 4.46 -8.33 -19.92
N MET A 560 4.51 -6.99 -19.99
CA MET A 560 4.62 -6.21 -18.76
C MET A 560 3.45 -6.42 -17.80
N ALA A 561 2.22 -6.48 -18.33
CA ALA A 561 1.03 -6.66 -17.51
C ALA A 561 1.00 -7.98 -16.75
N THR A 562 1.65 -9.04 -17.29
CA THR A 562 1.60 -10.39 -16.72
C THR A 562 2.88 -10.86 -15.99
N GLU A 563 4.07 -10.39 -16.41
CA GLU A 563 5.34 -10.77 -15.80
C GLU A 563 5.54 -10.12 -14.42
N GLN A 564 4.76 -9.07 -14.14
CA GLN A 564 4.69 -8.42 -12.84
C GLN A 564 3.20 -8.20 -12.53
N GLY A 565 2.86 -7.91 -11.29
CA GLY A 565 1.48 -7.75 -10.85
C GLY A 565 1.21 -6.51 -10.02
N ARG A 566 2.13 -5.53 -10.04
CA ARG A 566 1.88 -4.28 -9.30
C ARG A 566 0.67 -3.62 -9.97
N MET A 567 -0.42 -3.45 -9.20
CA MET A 567 -1.70 -2.99 -9.76
C MET A 567 -1.62 -1.65 -10.48
N LYS A 568 -0.77 -0.72 -9.99
CA LYS A 568 -0.50 0.59 -10.58
C LYS A 568 -0.14 0.42 -12.09
N PHE A 569 0.54 -0.69 -12.44
CA PHE A 569 0.95 -0.98 -13.80
C PHE A 569 0.01 -1.98 -14.50
N THR A 570 -0.25 -3.14 -13.87
CA THR A 570 -1.05 -4.21 -14.44
C THR A 570 -2.49 -3.74 -14.81
N ARG A 571 -3.19 -3.02 -13.92
CA ARG A 571 -4.58 -2.59 -14.19
C ARG A 571 -4.71 -1.63 -15.41
N PRO A 572 -3.97 -0.48 -15.47
CA PRO A 572 -4.08 0.39 -16.66
C PRO A 572 -3.57 -0.28 -17.94
N LEU A 573 -2.54 -1.19 -17.85
CA LEU A 573 -2.07 -1.87 -19.06
C LEU A 573 -3.16 -2.79 -19.63
N PHE A 574 -3.83 -3.59 -18.76
CA PHE A 574 -4.92 -4.45 -19.21
C PHE A 574 -6.08 -3.61 -19.78
N LYS A 575 -6.41 -2.50 -19.10
CA LYS A 575 -7.49 -1.61 -19.54
C LYS A 575 -7.19 -0.96 -20.89
N ASP A 576 -5.95 -0.46 -21.12
CA ASP A 576 -5.54 0.14 -22.40
C ASP A 576 -5.60 -0.92 -23.51
N LEU A 577 -5.11 -2.15 -23.23
CA LEU A 577 -5.17 -3.28 -24.17
C LEU A 577 -6.60 -3.71 -24.50
N ALA A 578 -7.53 -3.65 -23.51
CA ALA A 578 -8.94 -3.99 -23.75
C ALA A 578 -9.61 -2.90 -24.60
N ALA A 579 -9.24 -1.61 -24.41
CA ALA A 579 -9.81 -0.48 -25.17
C ALA A 579 -9.27 -0.38 -26.63
N PHE A 580 -8.13 -1.01 -26.93
CA PHE A 580 -7.55 -1.04 -28.28
C PHE A 580 -8.14 -2.26 -29.01
N ASP A 581 -8.95 -2.01 -30.08
CA ASP A 581 -9.62 -3.03 -30.90
C ASP A 581 -8.71 -4.21 -31.27
N LYS A 582 -7.49 -3.90 -31.78
CA LYS A 582 -6.49 -4.86 -32.20
C LYS A 582 -6.05 -5.83 -31.07
N SER A 583 -5.99 -5.34 -29.83
CA SER A 583 -5.56 -6.19 -28.71
C SER A 583 -6.68 -6.64 -27.77
N HIS A 584 -7.93 -6.19 -28.00
CA HIS A 584 -9.05 -6.47 -27.10
C HIS A 584 -9.16 -7.96 -26.71
N ASP A 585 -9.27 -8.85 -27.72
CA ASP A 585 -9.40 -10.29 -27.52
C ASP A 585 -8.22 -10.90 -26.77
N GLN A 586 -7.00 -10.47 -27.11
CA GLN A 586 -5.75 -10.90 -26.46
C GLN A 586 -5.77 -10.49 -24.99
N ALA A 587 -6.19 -9.26 -24.68
CA ALA A 587 -6.30 -8.75 -23.31
C ALA A 587 -7.20 -9.65 -22.46
N VAL A 588 -8.41 -9.97 -22.98
CA VAL A 588 -9.40 -10.80 -22.29
C VAL A 588 -8.87 -12.23 -22.09
N ARG A 589 -8.34 -12.86 -23.18
CA ARG A 589 -7.82 -14.23 -23.12
C ARG A 589 -6.64 -14.38 -22.19
N THR A 590 -5.73 -13.41 -22.20
CA THR A 590 -4.54 -13.39 -21.34
C THR A 590 -4.97 -13.31 -19.89
N TYR A 591 -5.93 -12.44 -19.58
CA TYR A 591 -6.47 -12.36 -18.23
C TYR A 591 -7.07 -13.74 -17.82
N GLN A 592 -7.91 -14.33 -18.69
CA GLN A 592 -8.56 -15.62 -18.43
C GLN A 592 -7.54 -16.73 -18.14
N GLU A 593 -6.44 -16.82 -18.92
CA GLU A 593 -5.44 -17.87 -18.73
C GLU A 593 -4.58 -17.66 -17.48
N HIS A 594 -4.37 -16.39 -17.06
CA HIS A 594 -3.54 -16.03 -15.90
C HIS A 594 -4.31 -15.90 -14.57
N LYS A 595 -5.64 -15.66 -14.63
CA LYS A 595 -6.53 -15.42 -13.48
C LYS A 595 -6.22 -16.33 -12.26
N ALA A 596 -6.17 -17.66 -12.49
CA ALA A 596 -5.91 -18.66 -11.45
C ALA A 596 -4.56 -18.50 -10.72
N SER A 597 -3.54 -17.98 -11.41
CA SER A 597 -2.17 -17.77 -10.91
C SER A 597 -1.93 -16.34 -10.36
N MET A 598 -2.94 -15.47 -10.43
CA MET A 598 -2.82 -14.08 -10.01
C MET A 598 -3.10 -13.89 -8.53
N HIS A 599 -2.70 -12.74 -7.97
CA HIS A 599 -3.02 -12.37 -6.58
C HIS A 599 -4.56 -12.23 -6.56
N PRO A 600 -5.25 -12.71 -5.50
CA PRO A 600 -6.73 -12.68 -5.50
C PRO A 600 -7.36 -11.30 -5.64
N VAL A 601 -6.75 -10.27 -5.05
CA VAL A 601 -7.29 -8.92 -5.15
C VAL A 601 -7.07 -8.39 -6.58
N THR A 602 -5.85 -8.53 -7.13
CA THR A 602 -5.51 -8.12 -8.50
C THR A 602 -6.44 -8.82 -9.52
N ALA A 603 -6.67 -10.15 -9.35
CA ALA A 603 -7.55 -10.93 -10.23
C ALA A 603 -8.98 -10.36 -10.22
N MET A 604 -9.48 -10.00 -9.02
CA MET A 604 -10.81 -9.44 -8.88
C MET A 604 -10.93 -8.09 -9.62
N LEU A 605 -10.00 -7.16 -9.35
CA LEU A 605 -10.02 -5.82 -9.92
C LEU A 605 -9.78 -5.78 -11.44
N VAL A 606 -8.89 -6.65 -11.96
CA VAL A 606 -8.63 -6.70 -13.42
C VAL A 606 -9.90 -7.25 -14.08
N GLY A 607 -10.53 -8.23 -13.43
CA GLY A 607 -11.80 -8.83 -13.86
C GLY A 607 -12.90 -7.80 -14.00
N LYS A 608 -13.07 -6.95 -12.97
CA LYS A 608 -14.05 -5.85 -12.97
C LYS A 608 -13.71 -4.83 -14.08
N ASP A 609 -12.41 -4.43 -14.22
CA ASP A 609 -11.94 -3.47 -15.23
C ASP A 609 -12.22 -3.94 -16.66
N LEU A 610 -12.07 -5.24 -16.90
CA LEU A 610 -12.26 -5.87 -18.20
C LEU A 610 -13.69 -6.34 -18.44
N LYS A 611 -14.57 -6.22 -17.41
CA LYS A 611 -15.96 -6.70 -17.41
C LYS A 611 -16.02 -8.20 -17.80
N VAL A 612 -15.11 -8.99 -17.22
CA VAL A 612 -14.96 -10.44 -17.39
C VAL A 612 -15.26 -11.02 -16.00
N ASP A 613 -16.36 -11.76 -15.88
CA ASP A 613 -16.78 -12.34 -14.60
C ASP A 613 -16.24 -13.76 -14.39
#